data_5ELK
#
_entry.id   5ELK
#
_cell.length_a   70.192
_cell.length_b   51.203
_cell.length_c   37.460
_cell.angle_alpha   90.00
_cell.angle_beta   97.18
_cell.angle_gamma   90.00
#
_symmetry.space_group_name_H-M   'C 1 2 1'
#
loop_
_entity.id
_entity.type
_entity.pdbx_description
1 polymer 'RING finger protein unkempt homolog'
2 polymer RNA
3 non-polymer 'ZINC ION'
4 water water
#
loop_
_entity_poly.entity_id
_entity_poly.type
_entity_poly.pdbx_seq_one_letter_code
_entity_poly.pdbx_strand_id
1 'polypeptide(L)'
;SPRWQETAYVLGNYKTEPCKKPPRLCRQGYACPYYHNSKDRRRSPRKHKYRSSPCPNVKHGDEWGDPGKCENGDACQYCH
TRTEQQFHPEIYKSTKCNDMQQAGSCPRGPFCAFAHIEPPPLSDDVQPSSAVS
;
A
2 'polyribonucleotide' CUUAGA R
#
loop_
_chem_comp.id
_chem_comp.type
_chem_comp.name
_chem_comp.formula
A RNA linking ADENOSINE-5'-MONOPHOSPHATE 'C10 H14 N5 O7 P'
C RNA linking CYTIDINE-5'-MONOPHOSPHATE 'C9 H14 N3 O8 P'
G RNA linking GUANOSINE-5'-MONOPHOSPHATE 'C10 H14 N5 O8 P'
U RNA linking URIDINE-5'-MONOPHOSPHATE 'C9 H13 N2 O9 P'
ZN non-polymer 'ZINC ION' 'Zn 2'
#
# COMPACT_ATOMS: atom_id res chain seq x y z
N PRO A 2 -3.01 -11.84 -10.74
CA PRO A 2 -4.17 -12.12 -11.61
C PRO A 2 -5.35 -11.17 -11.38
N ARG A 3 -5.91 -11.12 -10.18
CA ARG A 3 -7.15 -10.35 -9.95
C ARG A 3 -6.91 -8.89 -9.52
N TRP A 4 -5.89 -8.23 -10.07
CA TRP A 4 -5.53 -6.88 -9.63
C TRP A 4 -6.62 -5.84 -9.87
N GLN A 5 -7.60 -6.15 -10.70
CA GLN A 5 -8.57 -5.16 -11.12
C GLN A 5 -9.68 -5.00 -10.09
N GLU A 6 -9.67 -5.86 -9.07
CA GLU A 6 -10.67 -5.79 -8.00
C GLU A 6 -10.04 -5.36 -6.68
N THR A 7 -10.72 -4.45 -6.00
CA THR A 7 -10.20 -3.84 -4.80
C THR A 7 -9.97 -4.85 -3.66
N ALA A 8 -10.80 -5.89 -3.59
CA ALA A 8 -10.68 -6.88 -2.53
C ALA A 8 -9.37 -7.65 -2.62
N TYR A 9 -8.86 -7.78 -3.84
CA TYR A 9 -7.63 -8.53 -4.10
C TYR A 9 -6.43 -7.64 -3.84
N VAL A 10 -6.58 -6.37 -4.19
CA VAL A 10 -5.55 -5.38 -3.92
C VAL A 10 -5.29 -5.37 -2.43
N LEU A 11 -6.38 -5.33 -1.67
CA LEU A 11 -6.32 -5.28 -0.21
C LEU A 11 -5.52 -6.45 0.35
N GLY A 12 -5.75 -7.64 -0.20
CA GLY A 12 -5.15 -8.84 0.35
C GLY A 12 -3.73 -9.11 -0.12
N ASN A 13 -3.34 -8.53 -1.25
CA ASN A 13 -2.13 -8.96 -1.94
C ASN A 13 -1.17 -7.87 -2.40
N TYR A 14 -1.64 -6.63 -2.49
CA TYR A 14 -0.82 -5.54 -3.03
C TYR A 14 0.52 -5.38 -2.32
N LYS A 15 1.62 -5.47 -3.08
CA LYS A 15 2.99 -5.41 -2.58
C LYS A 15 3.28 -6.36 -1.42
N THR A 16 2.66 -7.52 -1.47
CA THR A 16 2.87 -8.59 -0.51
C THR A 16 4.07 -9.44 -0.94
N GLU A 17 4.41 -9.33 -2.22
CA GLU A 17 5.42 -10.19 -2.82
C GLU A 17 6.35 -9.39 -3.75
N PRO A 18 7.53 -9.95 -4.05
CA PRO A 18 8.56 -9.23 -4.80
C PRO A 18 8.46 -9.33 -6.31
N CYS A 19 8.75 -8.22 -6.99
CA CYS A 19 8.72 -8.16 -8.43
C CYS A 19 9.73 -9.13 -9.04
N LYS A 20 9.29 -9.94 -10.00
CA LYS A 20 10.16 -10.87 -10.71
C LYS A 20 11.33 -10.16 -11.39
N LYS A 21 11.03 -9.04 -12.04
CA LYS A 21 12.02 -8.29 -12.78
C LYS A 21 12.63 -7.19 -11.91
N PRO A 22 13.93 -7.30 -11.59
CA PRO A 22 14.61 -6.18 -10.92
C PRO A 22 15.13 -5.05 -11.85
N PRO A 23 14.92 -5.12 -13.18
CA PRO A 23 15.46 -3.96 -13.90
C PRO A 23 14.70 -2.66 -13.63
N ARG A 24 15.27 -1.56 -14.11
CA ARG A 24 14.69 -0.23 -13.91
C ARG A 24 13.47 -0.01 -14.79
N LEU A 25 13.06 -1.04 -15.54
CA LEU A 25 11.93 -0.92 -16.44
C LEU A 25 10.64 -0.72 -15.66
N CYS A 26 10.59 -1.37 -14.51
CA CYS A 26 9.51 -1.16 -13.58
C CYS A 26 9.52 0.32 -13.21
N ARG A 27 8.37 0.98 -13.27
CA ARG A 27 8.26 2.37 -12.84
C ARG A 27 8.57 2.49 -11.36
N GLN A 28 8.62 1.33 -10.69
CA GLN A 28 9.18 1.24 -9.35
C GLN A 28 8.32 1.98 -8.35
N GLY A 29 7.00 1.95 -8.56
CA GLY A 29 6.11 2.66 -7.65
C GLY A 29 4.74 2.03 -7.57
N TYR A 30 3.72 2.87 -7.47
CA TYR A 30 2.35 2.43 -7.31
C TYR A 30 1.86 1.56 -8.47
N ALA A 31 2.52 1.71 -9.61
CA ALA A 31 2.11 1.06 -10.86
C ALA A 31 2.40 -0.43 -10.85
N CYS A 32 3.26 -0.87 -9.93
CA CYS A 32 3.64 -2.28 -9.84
C CYS A 32 3.19 -2.91 -8.53
N PRO A 33 2.28 -3.91 -8.60
CA PRO A 33 1.68 -4.49 -7.38
C PRO A 33 2.61 -5.42 -6.61
N TYR A 34 3.89 -5.39 -6.92
CA TYR A 34 4.88 -6.20 -6.21
C TYR A 34 5.90 -5.25 -5.59
N TYR A 35 6.66 -5.73 -4.60
CA TYR A 35 7.58 -4.83 -3.90
C TYR A 35 9.00 -5.00 -4.39
N HIS A 36 9.74 -3.89 -4.31
CA HIS A 36 11.06 -3.78 -4.91
C HIS A 36 12.11 -3.57 -3.84
N ASN A 37 11.69 -3.03 -2.70
CA ASN A 37 12.58 -2.85 -1.57
C ASN A 37 11.84 -3.00 -0.24
N SER A 38 12.53 -2.71 0.86
CA SER A 38 11.97 -2.87 2.20
C SER A 38 10.94 -1.79 2.47
N LYS A 39 11.23 -0.59 1.95
CA LYS A 39 10.36 0.57 2.15
C LYS A 39 9.10 0.56 1.27
N ASP A 40 9.03 -0.44 0.39
CA ASP A 40 7.94 -0.61 -0.58
C ASP A 40 7.11 -1.82 -0.14
N ARG A 41 7.69 -2.60 0.77
CA ARG A 41 7.12 -3.88 1.16
C ARG A 41 5.90 -3.71 2.03
N ARG A 42 5.03 -4.72 1.99
CA ARG A 42 3.82 -4.72 2.76
C ARG A 42 3.56 -6.12 3.33
N ARG A 43 3.47 -6.22 4.65
CA ARG A 43 3.05 -7.47 5.26
C ARG A 43 1.56 -7.66 4.98
N SER A 44 1.20 -8.84 4.50
CA SER A 44 -0.18 -9.15 4.24
C SER A 44 -0.95 -9.05 5.56
N PRO A 45 -2.02 -8.22 5.60
CA PRO A 45 -2.80 -8.06 6.83
C PRO A 45 -3.59 -9.31 7.21
N ARG A 46 -3.49 -10.37 6.42
CA ARG A 46 -4.14 -11.63 6.75
C ARG A 46 -3.20 -12.51 7.58
N LYS A 47 -1.90 -12.32 7.40
CA LYS A 47 -0.88 -13.06 8.14
C LYS A 47 -0.34 -12.29 9.34
N HIS A 48 -0.35 -10.96 9.23
CA HIS A 48 0.17 -10.11 10.29
C HIS A 48 -0.87 -9.07 10.64
N LYS A 49 -1.23 -9.04 11.91
CA LYS A 49 -2.23 -8.10 12.39
C LYS A 49 -1.54 -6.90 12.99
N TYR A 50 -1.65 -5.77 12.30
CA TYR A 50 -1.08 -4.54 12.79
C TYR A 50 -2.05 -3.38 12.65
N ARG A 51 -1.86 -2.38 13.48
CA ARG A 51 -2.70 -1.20 13.51
C ARG A 51 -2.38 -0.25 12.35
N SER A 52 -3.31 0.64 12.03
CA SER A 52 -3.11 1.61 10.96
C SER A 52 -1.99 2.60 11.28
N SER A 53 -1.74 2.84 12.57
CA SER A 53 -0.81 3.87 12.98
C SER A 53 0.65 3.52 12.63
N PRO A 54 1.47 4.53 12.25
CA PRO A 54 2.88 4.31 11.93
C PRO A 54 3.72 3.86 13.13
N CYS A 55 4.71 2.99 12.91
CA CYS A 55 5.69 2.66 13.94
C CYS A 55 6.67 3.83 14.05
N PRO A 56 6.77 4.44 15.24
CA PRO A 56 7.66 5.60 15.39
C PRO A 56 9.15 5.23 15.46
N ASN A 57 9.46 3.94 15.47
CA ASN A 57 10.84 3.49 15.33
C ASN A 57 11.23 3.48 13.86
N VAL A 58 10.24 3.68 12.98
CA VAL A 58 10.50 3.69 11.55
C VAL A 58 10.13 5.03 10.98
N LYS A 59 8.98 5.53 11.35
CA LYS A 59 8.54 6.83 10.87
C LYS A 59 8.85 7.91 11.90
N HIS A 60 9.89 8.69 11.62
CA HIS A 60 10.26 9.80 12.47
C HIS A 60 9.74 11.09 11.82
N GLY A 61 8.61 11.59 12.33
CA GLY A 61 8.01 12.80 11.79
C GLY A 61 7.27 12.56 10.49
N ASP A 62 7.90 12.95 9.40
CA ASP A 62 7.29 12.94 8.08
C ASP A 62 7.99 11.95 7.15
N GLU A 63 9.17 11.49 7.56
CA GLU A 63 9.96 10.57 6.74
C GLU A 63 9.77 9.11 7.15
N TRP A 64 9.42 8.27 6.18
CA TRP A 64 9.46 6.83 6.36
C TRP A 64 10.92 6.41 6.22
N GLY A 65 11.43 5.66 7.19
CA GLY A 65 12.83 5.25 7.21
C GLY A 65 12.95 3.76 6.97
N ASP A 66 14.13 3.22 7.19
CA ASP A 66 14.36 1.79 6.98
C ASP A 66 13.56 1.04 8.05
N PRO A 67 12.70 0.07 7.66
CA PRO A 67 11.91 -0.70 8.63
C PRO A 67 12.75 -1.60 9.54
N GLY A 68 13.91 -2.05 9.09
CA GLY A 68 14.89 -2.61 10.00
C GLY A 68 15.22 -1.44 10.90
N LYS A 69 15.72 -1.66 12.11
CA LYS A 69 15.90 -0.60 13.12
C LYS A 69 14.62 -0.42 13.91
N CYS A 70 13.60 -1.19 13.55
CA CYS A 70 12.60 -1.56 14.53
C CYS A 70 12.93 -2.97 14.99
N GLU A 71 13.26 -3.10 16.27
CA GLU A 71 13.72 -4.35 16.84
C GLU A 71 12.61 -5.39 16.93
N ASN A 72 11.38 -4.97 16.65
CA ASN A 72 10.23 -5.86 16.72
C ASN A 72 10.13 -6.76 15.49
N GLY A 73 10.65 -6.27 14.36
CA GLY A 73 10.58 -7.00 13.12
C GLY A 73 9.15 -7.10 12.62
N ASP A 74 8.85 -8.17 11.89
CA ASP A 74 7.56 -8.34 11.25
C ASP A 74 6.43 -8.64 12.24
N ALA A 75 6.74 -8.67 13.52
CA ALA A 75 5.74 -8.91 14.55
C ALA A 75 5.24 -7.61 15.14
N CYS A 76 5.76 -6.49 14.65
CA CYS A 76 5.32 -5.18 15.12
C CYS A 76 3.86 -4.92 14.78
N GLN A 77 3.12 -4.42 15.76
CA GLN A 77 1.69 -4.16 15.62
C GLN A 77 1.43 -2.73 15.14
N TYR A 78 2.41 -2.20 14.40
CA TYR A 78 2.33 -0.87 13.84
C TYR A 78 2.79 -0.96 12.40
N CYS A 79 2.44 0.02 11.57
CA CYS A 79 2.85 0.03 10.18
C CYS A 79 4.33 0.37 10.03
N HIS A 80 4.99 -0.30 9.10
CA HIS A 80 6.42 -0.13 8.85
C HIS A 80 6.73 0.52 7.50
N THR A 81 5.71 0.68 6.67
CA THR A 81 5.86 1.40 5.41
C THR A 81 4.59 2.14 5.07
N ARG A 82 4.74 3.15 4.22
CA ARG A 82 3.63 4.00 3.84
C ARG A 82 2.62 3.15 3.11
N THR A 83 3.13 2.17 2.36
CA THR A 83 2.24 1.27 1.67
C THR A 83 1.38 0.47 2.64
N GLU A 84 1.99 0.03 3.74
CA GLU A 84 1.26 -0.75 4.73
C GLU A 84 0.15 0.06 5.35
N GLN A 85 0.36 1.37 5.46
CA GLN A 85 -0.64 2.23 6.04
C GLN A 85 -1.75 2.56 5.03
N GLN A 86 -1.34 2.98 3.82
CA GLN A 86 -2.30 3.42 2.81
C GLN A 86 -3.24 2.28 2.42
N PHE A 87 -2.74 1.06 2.48
CA PHE A 87 -3.53 -0.10 2.10
C PHE A 87 -3.91 -0.91 3.33
N HIS A 88 -4.01 -0.24 4.47
CA HIS A 88 -4.51 -0.89 5.67
C HIS A 88 -6.04 -1.02 5.54
N PRO A 89 -6.60 -2.15 5.98
CA PRO A 89 -8.06 -2.37 5.95
C PRO A 89 -8.91 -1.21 6.45
N GLU A 90 -8.39 -0.41 7.37
CA GLU A 90 -9.13 0.69 7.98
C GLU A 90 -8.81 2.03 7.32
N ILE A 91 -7.86 2.04 6.41
CA ILE A 91 -7.40 3.27 5.77
C ILE A 91 -7.83 3.25 4.30
N TYR A 92 -7.77 2.06 3.71
CA TYR A 92 -7.87 1.86 2.26
C TYR A 92 -9.25 2.28 1.75
N LYS A 93 -9.29 3.19 0.77
CA LYS A 93 -10.53 3.69 0.15
C LYS A 93 -11.45 4.40 1.14
N SER A 94 -10.92 4.81 2.28
CA SER A 94 -11.73 5.47 3.30
C SER A 94 -11.94 6.95 3.00
N THR A 95 -11.11 7.50 2.13
CA THR A 95 -11.11 8.92 1.83
C THR A 95 -11.13 9.15 0.33
N LYS A 96 -11.95 10.10 -0.10
CA LYS A 96 -12.12 10.43 -1.51
C LYS A 96 -10.80 10.75 -2.21
N CYS A 97 -10.61 10.16 -3.38
CA CYS A 97 -9.47 10.49 -4.21
C CYS A 97 -9.63 11.89 -4.80
N ASN A 98 -8.68 12.76 -4.49
CA ASN A 98 -8.75 14.15 -4.89
C ASN A 98 -8.56 14.35 -6.39
N ASP A 99 -7.65 13.57 -6.97
CA ASP A 99 -7.36 13.65 -8.40
C ASP A 99 -8.60 13.30 -9.21
N MET A 100 -9.34 12.30 -8.73
CA MET A 100 -10.53 11.84 -9.43
C MET A 100 -11.62 12.89 -9.31
N GLN A 101 -11.68 13.56 -8.14
CA GLN A 101 -12.74 14.50 -7.87
C GLN A 101 -12.56 15.77 -8.69
N GLN A 102 -11.32 16.08 -9.03
CA GLN A 102 -11.01 17.26 -9.81
C GLN A 102 -11.07 17.03 -11.30
N ALA A 103 -10.48 15.93 -11.75
CA ALA A 103 -10.28 15.67 -13.18
C ALA A 103 -11.26 14.66 -13.78
N GLY A 104 -11.78 13.74 -12.97
CA GLY A 104 -12.61 12.66 -13.48
C GLY A 104 -11.77 11.45 -13.89
N SER A 105 -10.48 11.49 -13.57
CA SER A 105 -9.57 10.38 -13.83
C SER A 105 -8.41 10.39 -12.83
N CYS A 106 -7.91 9.20 -12.50
CA CYS A 106 -6.81 9.05 -11.54
C CYS A 106 -5.64 8.29 -12.18
N PRO A 107 -4.41 8.80 -12.04
CA PRO A 107 -3.26 8.16 -12.69
C PRO A 107 -2.84 6.82 -12.06
N ARG A 108 -3.23 6.62 -10.81
CA ARG A 108 -2.85 5.41 -10.10
C ARG A 108 -3.86 4.30 -10.35
N GLY A 109 -5.00 4.69 -10.91
CA GLY A 109 -5.99 3.74 -11.39
C GLY A 109 -6.36 2.68 -10.37
N PRO A 110 -6.19 1.40 -10.72
CA PRO A 110 -6.60 0.30 -9.83
C PRO A 110 -5.74 0.15 -8.57
N PHE A 111 -4.71 0.98 -8.43
CA PHE A 111 -3.80 0.87 -7.29
C PHE A 111 -3.81 2.14 -6.49
N CYS A 112 -4.79 3.00 -6.76
CA CYS A 112 -5.04 4.14 -5.90
C CYS A 112 -5.55 3.61 -4.57
N ALA A 113 -5.07 4.19 -3.47
CA ALA A 113 -5.47 3.75 -2.13
C ALA A 113 -6.66 4.57 -1.63
N PHE A 114 -7.13 5.49 -2.47
CA PHE A 114 -8.26 6.36 -2.14
C PHE A 114 -9.52 5.98 -2.90
N ALA A 115 -10.65 6.49 -2.43
CA ALA A 115 -11.94 6.11 -2.99
C ALA A 115 -12.22 6.87 -4.29
N HIS A 116 -12.70 6.13 -5.28
CA HIS A 116 -13.19 6.73 -6.51
C HIS A 116 -14.70 6.77 -6.41
N ILE A 117 -15.38 6.64 -7.55
CA ILE A 117 -16.82 6.81 -7.59
C ILE A 117 -17.47 5.46 -7.52
N GLU A 118 -18.59 5.41 -6.81
CA GLU A 118 -19.38 4.19 -6.72
C GLU A 118 -19.60 3.64 -8.14
N PRO A 119 -19.18 2.39 -8.39
CA PRO A 119 -19.43 1.82 -9.72
C PRO A 119 -20.86 1.30 -9.79
N PRO A 120 -21.50 1.36 -10.96
CA PRO A 120 -22.80 0.68 -11.04
C PRO A 120 -22.61 -0.82 -10.96
N PRO A 121 -23.66 -1.56 -10.56
CA PRO A 121 -23.59 -3.02 -10.49
C PRO A 121 -23.64 -3.64 -11.88
N LEU A 122 -24.70 -3.36 -12.63
CA LEU A 122 -24.84 -3.84 -14.02
C LEU A 122 -25.18 -2.66 -14.94
ZN ZN C . 7.92 -4.33 -10.14
ZN ZN D . 7.84 -1.50 14.44
ZN ZN E . -7.47 7.77 -7.36
#